data_9F64
#
_entry.id   9F64
#
_cell.length_a   67.370
_cell.length_b   71.480
_cell.length_c   40.770
_cell.angle_alpha   90.00
_cell.angle_beta   115.91
_cell.angle_gamma   90.00
#
_symmetry.space_group_name_H-M   'C 1 2 1'
#
loop_
_entity.id
_entity.type
_entity.pdbx_description
1 polymer 'Thiol peroxidase'
2 non-polymer 2-(5-azanyl-2-methyl-imidazol-1-yl)ethanol
3 non-polymer 1,2-ETHANEDIOL
4 non-polymer 'SODIUM ION'
5 water water
#
_entity_poly.entity_id   1
_entity_poly.type   'polypeptide(L)'
_entity_poly.pdbx_seq_one_letter_code
;MASWSHPQFEKGAVTSLYKKAGFQKVTFKEETYQLEGKALKVGDKAPDVKLVNGDLQEVNLLKQGVRFQVVSALPSLTGS
VCLLQAKHFNEQTGKLPSVSFSVISMDLPFSQGQIAGAEGIKDLRILSDFRYKAFGENYGVLLGKGSLQGLLARSVFVLD
DKGVVIYKEIVQNILEEPNYEALLKVLK
;
_entity_poly.pdbx_strand_id   A
#
loop_
_chem_comp.id
_chem_comp.type
_chem_comp.name
_chem_comp.formula
A1IAQ non-polymer 2-(5-azanyl-2-methyl-imidazol-1-yl)ethanol 'C6 H11 N3 O'
EDO non-polymer 1,2-ETHANEDIOL 'C2 H6 O2'
NA non-polymer 'SODIUM ION' 'Na 1'
#
# COMPACT_ATOMS: atom_id res chain seq x y z
N GLN A 24 -10.68 -14.91 -2.59
CA GLN A 24 -10.37 -13.91 -3.66
C GLN A 24 -9.10 -14.35 -4.40
N LYS A 25 -9.14 -14.30 -5.74
CA LYS A 25 -8.04 -14.74 -6.64
C LYS A 25 -7.48 -13.52 -7.37
N VAL A 26 -6.15 -13.44 -7.49
CA VAL A 26 -5.41 -12.38 -8.22
C VAL A 26 -4.68 -13.06 -9.37
N THR A 27 -4.60 -12.39 -10.53
CA THR A 27 -4.02 -12.98 -11.77
C THR A 27 -2.80 -12.18 -12.21
N PHE A 28 -1.81 -12.90 -12.75
CA PHE A 28 -0.56 -12.35 -13.33
C PHE A 28 -0.21 -13.18 -14.56
N LYS A 29 -0.50 -12.66 -15.75
CA LYS A 29 -0.33 -13.38 -17.03
C LYS A 29 -0.99 -14.75 -16.88
N GLU A 30 -0.23 -15.86 -16.94
CA GLU A 30 -0.78 -17.24 -16.92
C GLU A 30 -0.89 -17.75 -15.47
N GLU A 31 -0.48 -16.94 -14.49
CA GLU A 31 -0.50 -17.35 -13.06
C GLU A 31 -1.76 -16.81 -12.38
N THR A 32 -2.34 -17.64 -11.51
CA THR A 32 -3.43 -17.28 -10.56
C THR A 32 -2.88 -17.48 -9.14
N TYR A 33 -3.16 -16.52 -8.25
CA TYR A 33 -2.70 -16.46 -6.85
C TYR A 33 -3.87 -16.58 -5.88
N GLN A 34 -3.74 -17.50 -4.91
CA GLN A 34 -4.42 -17.42 -3.59
C GLN A 34 -3.68 -16.38 -2.75
N LEU A 35 -4.43 -15.44 -2.19
CA LEU A 35 -3.92 -14.38 -1.28
C LEU A 35 -3.69 -14.98 0.11
N GLU A 36 -2.49 -14.79 0.67
CA GLU A 36 -2.11 -15.33 2.00
C GLU A 36 -2.19 -14.22 3.05
N GLY A 37 -2.39 -14.61 4.31
CA GLY A 37 -2.71 -13.71 5.44
C GLY A 37 -4.19 -13.76 5.77
N LYS A 38 -4.64 -12.85 6.65
CA LYS A 38 -6.04 -12.77 7.13
C LYS A 38 -6.83 -11.80 6.24
N ALA A 39 -8.01 -12.22 5.77
CA ALA A 39 -8.94 -11.37 4.99
C ALA A 39 -9.42 -10.20 5.84
N LEU A 40 -9.45 -9.00 5.26
CA LEU A 40 -9.85 -7.73 5.94
C LEU A 40 -11.01 -7.11 5.17
N LYS A 41 -12.14 -6.86 5.84
CA LYS A 41 -13.39 -6.34 5.22
C LYS A 41 -13.62 -4.89 5.64
N VAL A 42 -14.32 -4.11 4.82
CA VAL A 42 -14.79 -2.74 5.18
C VAL A 42 -15.54 -2.85 6.52
N GLY A 43 -15.21 -1.98 7.48
CA GLY A 43 -15.81 -1.98 8.83
C GLY A 43 -14.96 -2.70 9.87
N ASP A 44 -14.04 -3.57 9.45
CA ASP A 44 -13.09 -4.26 10.37
C ASP A 44 -12.05 -3.26 10.87
N LYS A 45 -11.58 -3.40 12.11
CA LYS A 45 -10.41 -2.64 12.59
C LYS A 45 -9.15 -3.30 11.99
N ALA A 46 -8.48 -2.58 11.09
CA ALA A 46 -7.17 -2.99 10.53
C ALA A 46 -6.14 -2.94 11.65
N PRO A 47 -5.31 -4.00 11.83
CA PRO A 47 -4.31 -4.02 12.89
C PRO A 47 -3.15 -3.08 12.54
N ASP A 48 -2.65 -2.35 13.54
CA ASP A 48 -1.44 -1.50 13.38
C ASP A 48 -0.26 -2.46 13.20
N VAL A 49 0.56 -2.24 12.18
CA VAL A 49 1.70 -3.14 11.83
C VAL A 49 3.00 -2.33 11.83
N LYS A 50 4.12 -3.00 12.05
CA LYS A 50 5.50 -2.43 12.00
C LYS A 50 6.02 -2.52 10.57
N LEU A 51 6.50 -1.39 10.04
CA LEU A 51 7.15 -1.30 8.70
C LEU A 51 8.47 -0.52 8.87
N VAL A 52 9.29 -0.50 7.83
CA VAL A 52 10.61 0.20 7.87
C VAL A 52 10.61 1.33 6.83
N ASN A 53 11.01 2.54 7.25
CA ASN A 53 11.02 3.74 6.36
C ASN A 53 12.39 3.91 5.71
N GLY A 54 12.53 4.98 4.91
CA GLY A 54 13.75 5.32 4.16
C GLY A 54 14.94 5.59 5.05
N ASP A 55 14.73 5.84 6.34
CA ASP A 55 15.82 6.11 7.34
C ASP A 55 16.12 4.85 8.16
N LEU A 56 15.58 3.69 7.75
CA LEU A 56 15.76 2.37 8.41
C LEU A 56 15.25 2.43 9.85
N GLN A 57 14.25 3.31 10.05
CA GLN A 57 13.51 3.54 11.31
C GLN A 57 12.25 2.67 11.25
N GLU A 58 11.92 1.97 12.34
CA GLU A 58 10.65 1.19 12.41
C GLU A 58 9.52 2.16 12.71
N VAL A 59 8.45 2.09 11.92
CA VAL A 59 7.26 2.98 12.08
C VAL A 59 6.02 2.09 12.15
N ASN A 60 4.98 2.57 12.85
CA ASN A 60 3.62 2.00 12.85
C ASN A 60 2.89 2.53 11.62
N LEU A 61 2.19 1.66 10.90
CA LEU A 61 1.45 2.01 9.65
C LEU A 61 0.45 3.13 9.93
N LEU A 62 -0.33 3.00 11.00
CA LEU A 62 -1.44 3.94 11.33
C LEU A 62 -0.84 5.24 11.90
N LYS A 63 -1.10 6.35 11.23
CA LYS A 63 -0.67 7.70 11.66
C LYS A 63 -1.59 8.15 12.80
N GLN A 64 -1.01 8.72 13.87
CA GLN A 64 -1.76 9.14 15.08
C GLN A 64 -2.61 10.38 14.71
N GLY A 65 -3.94 10.21 14.66
CA GLY A 65 -4.93 11.30 14.60
C GLY A 65 -5.52 11.51 13.21
N VAL A 66 -4.86 11.05 12.14
CA VAL A 66 -5.24 11.36 10.73
C VAL A 66 -6.54 10.62 10.39
N ARG A 67 -7.53 11.34 9.87
CA ARG A 67 -8.94 10.89 9.70
C ARG A 67 -9.06 9.97 8.48
N PHE A 68 -8.38 10.29 7.37
CA PHE A 68 -8.34 9.43 6.15
C PHE A 68 -6.90 8.98 5.89
N GLN A 69 -6.63 7.69 6.08
CA GLN A 69 -5.28 7.08 5.84
C GLN A 69 -5.36 6.18 4.61
N VAL A 70 -4.80 6.65 3.48
CA VAL A 70 -4.68 5.86 2.22
C VAL A 70 -3.43 4.98 2.34
N VAL A 71 -3.60 3.68 2.16
CA VAL A 71 -2.50 2.67 2.18
C VAL A 71 -2.53 1.89 0.86
N SER A 72 -1.56 2.16 0.00
CA SER A 72 -1.42 1.53 -1.34
C SER A 72 -0.26 0.54 -1.28
N ALA A 73 -0.51 -0.72 -1.66
CA ALA A 73 0.51 -1.79 -1.67
C ALA A 73 0.74 -2.26 -3.11
N LEU A 74 2.02 -2.47 -3.45
CA LEU A 74 2.53 -2.80 -4.81
C LEU A 74 3.39 -4.06 -4.69
N PRO A 75 3.38 -4.95 -5.70
CA PRO A 75 4.35 -6.04 -5.74
C PRO A 75 5.79 -5.54 -5.84
N SER A 76 6.01 -4.43 -6.57
CA SER A 76 7.34 -3.85 -6.88
C SER A 76 7.16 -2.35 -7.17
N LEU A 77 7.97 -1.50 -6.52
CA LEU A 77 7.98 -0.04 -6.77
C LEU A 77 8.60 0.23 -8.15
N THR A 78 9.62 -0.56 -8.53
CA THR A 78 10.43 -0.37 -9.76
C THR A 78 9.53 -0.19 -10.99
N GLY A 79 9.52 1.02 -11.55
CA GLY A 79 8.83 1.37 -12.81
C GLY A 79 7.33 1.17 -12.72
N SER A 80 6.79 1.26 -11.50
CA SER A 80 5.34 1.11 -11.24
C SER A 80 4.57 2.37 -11.61
N VAL A 81 3.30 2.22 -11.99
CA VAL A 81 2.41 3.36 -12.35
C VAL A 81 2.19 4.23 -11.11
N CYS A 82 2.06 3.60 -9.94
CA CYS A 82 1.80 4.31 -8.68
C CYS A 82 2.95 5.28 -8.36
N LEU A 83 4.18 4.83 -8.61
CA LEU A 83 5.38 5.65 -8.35
C LEU A 83 5.34 6.92 -9.21
N LEU A 84 4.93 6.78 -10.47
CA LEU A 84 4.85 7.93 -11.42
C LEU A 84 3.86 8.99 -10.93
N GLN A 85 2.70 8.55 -10.43
CA GLN A 85 1.62 9.49 -9.99
C GLN A 85 1.69 9.74 -8.48
N ALA A 86 2.72 9.21 -7.81
CA ALA A 86 2.84 9.32 -6.33
C ALA A 86 3.07 10.78 -5.91
N LYS A 87 3.97 11.49 -6.61
CA LYS A 87 4.32 12.91 -6.29
C LYS A 87 3.04 13.76 -6.36
N HIS A 88 2.25 13.63 -7.43
CA HIS A 88 1.01 14.44 -7.63
C HIS A 88 -0.02 14.11 -6.54
N PHE A 89 -0.35 12.82 -6.38
CA PHE A 89 -1.42 12.35 -5.46
C PHE A 89 -1.08 12.77 -4.02
N ASN A 90 0.20 12.67 -3.66
CA ASN A 90 0.75 13.05 -2.32
C ASN A 90 0.50 14.55 -2.06
N GLU A 91 0.68 15.39 -3.08
CA GLU A 91 0.43 16.86 -3.01
C GLU A 91 -1.05 17.10 -2.73
N GLN A 92 -1.94 16.54 -3.56
CA GLN A 92 -3.41 16.77 -3.50
C GLN A 92 -3.94 16.28 -2.15
N THR A 93 -3.44 15.13 -1.65
CA THR A 93 -3.86 14.54 -0.35
C THR A 93 -3.32 15.40 0.80
N GLY A 94 -2.06 15.86 0.70
CA GLY A 94 -1.42 16.72 1.72
C GLY A 94 -2.24 17.97 2.00
N LYS A 95 -2.78 18.60 0.96
CA LYS A 95 -3.55 19.86 1.06
C LYS A 95 -4.94 19.59 1.63
N LEU A 96 -5.48 18.37 1.45
CA LEU A 96 -6.76 17.93 2.06
C LEU A 96 -6.57 17.81 3.57
N PRO A 97 -7.62 18.10 4.39
CA PRO A 97 -7.54 18.00 5.85
C PRO A 97 -7.53 16.55 6.33
N SER A 98 -6.50 16.20 7.11
CA SER A 98 -6.41 14.91 7.84
C SER A 98 -6.47 13.73 6.85
N VAL A 99 -5.79 13.85 5.70
CA VAL A 99 -5.58 12.74 4.74
C VAL A 99 -4.08 12.43 4.64
N SER A 100 -3.69 11.19 4.96
CA SER A 100 -2.29 10.69 4.80
C SER A 100 -2.23 9.68 3.65
N PHE A 101 -1.04 9.54 3.03
CA PHE A 101 -0.80 8.65 1.88
C PHE A 101 0.48 7.86 2.15
N SER A 102 0.35 6.53 2.24
CA SER A 102 1.46 5.58 2.49
C SER A 102 1.54 4.59 1.34
N VAL A 103 2.76 4.34 0.83
CA VAL A 103 2.99 3.34 -0.25
C VAL A 103 3.83 2.22 0.36
N ILE A 104 3.37 0.97 0.23
CA ILE A 104 4.08 -0.20 0.84
C ILE A 104 4.54 -1.15 -0.26
N SER A 105 5.78 -1.67 -0.13
CA SER A 105 6.26 -2.81 -0.96
C SER A 105 7.27 -3.63 -0.16
N MET A 106 7.61 -4.80 -0.72
CA MET A 106 8.65 -5.71 -0.17
C MET A 106 10.04 -5.19 -0.56
N ASP A 107 10.12 -4.16 -1.40
CA ASP A 107 11.40 -3.51 -1.77
C ASP A 107 12.11 -3.09 -0.49
N LEU A 108 13.44 -3.25 -0.43
CA LEU A 108 14.22 -2.63 0.67
C LEU A 108 14.06 -1.11 0.60
N PRO A 109 14.15 -0.41 1.76
CA PRO A 109 14.15 1.05 1.79
C PRO A 109 15.19 1.73 0.87
N PHE A 110 16.41 1.20 0.78
CA PHE A 110 17.50 1.81 -0.04
C PHE A 110 17.03 1.91 -1.50
N SER A 111 16.52 0.81 -2.05
CA SER A 111 16.02 0.73 -3.44
C SER A 111 14.82 1.68 -3.58
N GLN A 112 13.91 1.65 -2.60
CA GLN A 112 12.70 2.51 -2.53
C GLN A 112 13.13 3.98 -2.57
N GLY A 113 14.11 4.35 -1.74
CA GLY A 113 14.66 5.71 -1.66
C GLY A 113 15.25 6.19 -2.98
N GLN A 114 15.97 5.31 -3.68
CA GLN A 114 16.67 5.63 -4.95
C GLN A 114 15.66 5.66 -6.11
N ILE A 115 14.71 4.71 -6.14
CA ILE A 115 13.61 4.65 -7.15
C ILE A 115 12.81 5.96 -7.05
N ALA A 116 12.34 6.27 -5.83
CA ALA A 116 11.53 7.46 -5.49
C ALA A 116 12.31 8.74 -5.80
N GLY A 117 13.54 8.85 -5.27
CA GLY A 117 14.44 10.00 -5.49
C GLY A 117 14.69 10.26 -6.96
N ALA A 118 14.84 9.18 -7.75
CA ALA A 118 15.08 9.24 -9.22
C ALA A 118 13.87 9.80 -9.95
N GLU A 119 12.65 9.60 -9.41
CA GLU A 119 11.42 10.11 -10.06
C GLU A 119 11.08 11.50 -9.53
N GLY A 120 11.89 12.03 -8.62
CA GLY A 120 11.65 13.39 -8.11
C GLY A 120 10.46 13.46 -7.18
N ILE A 121 10.35 12.47 -6.29
CA ILE A 121 9.27 12.37 -5.29
C ILE A 121 9.88 12.62 -3.91
N LYS A 122 9.66 13.81 -3.38
CA LYS A 122 10.21 14.15 -2.04
C LYS A 122 9.13 14.02 -0.97
N ASP A 123 9.55 13.62 0.23
CA ASP A 123 8.69 13.45 1.43
C ASP A 123 7.46 12.60 1.14
N LEU A 124 7.66 11.44 0.53
CA LEU A 124 6.53 10.50 0.32
C LEU A 124 6.72 9.39 1.34
N ARG A 125 5.65 8.98 2.03
CA ARG A 125 5.72 7.94 3.08
C ARG A 125 5.70 6.57 2.41
N ILE A 126 6.84 6.22 1.80
CA ILE A 126 7.13 4.88 1.19
C ILE A 126 7.73 4.02 2.30
N LEU A 127 7.16 2.83 2.53
CA LEU A 127 7.51 1.96 3.66
C LEU A 127 7.73 0.55 3.13
N SER A 128 8.69 -0.16 3.72
CA SER A 128 9.03 -1.55 3.33
C SER A 128 8.46 -2.54 4.36
N ASP A 129 7.89 -3.64 3.84
CA ASP A 129 7.31 -4.74 4.64
C ASP A 129 8.34 -5.88 4.78
N PHE A 130 9.58 -5.67 4.33
CA PHE A 130 10.59 -6.75 4.18
C PHE A 130 10.85 -7.43 5.53
N ARG A 131 10.92 -6.67 6.63
CA ARG A 131 11.46 -7.17 7.92
C ARG A 131 10.53 -8.21 8.53
N TYR A 132 9.22 -7.95 8.62
CA TYR A 132 8.25 -8.79 9.36
C TYR A 132 7.16 -9.36 8.44
N LYS A 133 6.98 -8.76 7.27
CA LYS A 133 5.88 -9.18 6.35
C LYS A 133 4.59 -9.06 7.15
N ALA A 134 4.52 -8.03 8.00
CA ALA A 134 3.40 -7.80 8.93
C ALA A 134 2.19 -7.23 8.17
N PHE A 135 2.42 -6.33 7.20
CA PHE A 135 1.35 -5.73 6.38
C PHE A 135 0.73 -6.82 5.52
N GLY A 136 1.56 -7.51 4.71
CA GLY A 136 1.11 -8.62 3.86
C GLY A 136 0.26 -9.62 4.63
N GLU A 137 0.74 -10.07 5.79
CA GLU A 137 0.10 -11.16 6.60
C GLU A 137 -1.21 -10.66 7.23
N ASN A 138 -1.26 -9.39 7.66
CA ASN A 138 -2.39 -8.88 8.49
C ASN A 138 -3.47 -8.26 7.60
N TYR A 139 -3.13 -7.82 6.38
CA TYR A 139 -4.10 -7.18 5.43
C TYR A 139 -4.50 -8.16 4.33
N GLY A 140 -3.95 -9.38 4.38
CA GLY A 140 -4.34 -10.51 3.50
C GLY A 140 -3.97 -10.25 2.04
N VAL A 141 -2.78 -9.71 1.77
CA VAL A 141 -2.31 -9.36 0.39
C VAL A 141 -0.91 -9.95 0.12
N LEU A 142 -0.45 -10.91 0.94
CA LEU A 142 0.82 -11.62 0.67
C LEU A 142 0.54 -12.70 -0.38
N LEU A 143 1.14 -12.56 -1.57
CA LEU A 143 0.93 -13.52 -2.69
C LEU A 143 1.54 -14.87 -2.31
N GLY A 144 0.81 -15.96 -2.57
CA GLY A 144 1.25 -17.33 -2.28
C GLY A 144 2.09 -17.90 -3.42
N LYS A 145 2.13 -19.23 -3.52
CA LYS A 145 2.97 -20.01 -4.48
C LYS A 145 2.86 -19.43 -5.89
N GLY A 146 3.99 -19.24 -6.57
CA GLY A 146 4.07 -18.67 -7.93
C GLY A 146 5.26 -17.73 -8.05
N SER A 147 5.50 -17.18 -9.24
CA SER A 147 6.69 -16.35 -9.55
C SER A 147 6.74 -15.09 -8.68
N LEU A 148 5.60 -14.62 -8.16
CA LEU A 148 5.53 -13.39 -7.33
C LEU A 148 5.35 -13.75 -5.84
N GLN A 149 5.53 -15.02 -5.47
CA GLN A 149 5.35 -15.48 -4.07
C GLN A 149 6.12 -14.56 -3.12
N GLY A 150 5.48 -14.15 -2.02
CA GLY A 150 6.11 -13.32 -0.96
C GLY A 150 6.13 -11.83 -1.31
N LEU A 151 5.59 -11.44 -2.47
CA LEU A 151 5.37 -10.01 -2.83
C LEU A 151 3.93 -9.64 -2.45
N LEU A 152 3.65 -8.34 -2.37
CA LEU A 152 2.29 -7.82 -2.01
C LEU A 152 1.43 -7.69 -3.28
N ALA A 153 0.16 -8.10 -3.17
CA ALA A 153 -0.86 -7.93 -4.22
C ALA A 153 -1.16 -6.43 -4.38
N ARG A 154 -1.34 -5.98 -5.63
CA ARG A 154 -1.74 -4.58 -5.89
C ARG A 154 -3.07 -4.33 -5.17
N SER A 155 -3.07 -3.38 -4.25
CA SER A 155 -4.22 -3.15 -3.33
C SER A 155 -4.19 -1.72 -2.79
N VAL A 156 -5.35 -1.22 -2.39
CA VAL A 156 -5.45 0.10 -1.70
C VAL A 156 -6.50 -0.06 -0.59
N PHE A 157 -6.20 0.53 0.54
CA PHE A 157 -7.06 0.59 1.75
C PHE A 157 -7.18 2.06 2.13
N VAL A 158 -8.36 2.46 2.62
CA VAL A 158 -8.50 3.75 3.33
C VAL A 158 -8.94 3.39 4.75
N LEU A 159 -8.18 3.85 5.73
CA LEU A 159 -8.43 3.59 7.17
C LEU A 159 -8.74 4.93 7.84
N ASP A 160 -9.66 4.92 8.80
CA ASP A 160 -9.97 6.12 9.63
C ASP A 160 -8.92 6.19 10.76
N ASP A 161 -9.01 7.22 11.59
CA ASP A 161 -8.08 7.46 12.74
C ASP A 161 -8.02 6.23 13.65
N LYS A 162 -9.14 5.50 13.78
CA LYS A 162 -9.31 4.33 14.68
C LYS A 162 -8.72 3.07 14.06
N GLY A 163 -8.32 3.12 12.79
CA GLY A 163 -7.74 1.97 12.05
C GLY A 163 -8.83 1.06 11.48
N VAL A 164 -10.07 1.54 11.44
CA VAL A 164 -11.22 0.81 10.81
C VAL A 164 -11.12 0.99 9.29
N VAL A 165 -11.48 -0.05 8.53
CA VAL A 165 -11.33 0.02 7.04
C VAL A 165 -12.53 0.71 6.40
N ILE A 166 -12.34 1.96 5.98
CA ILE A 166 -13.38 2.76 5.26
C ILE A 166 -13.60 2.19 3.85
N TYR A 167 -12.50 1.87 3.15
CA TYR A 167 -12.55 1.37 1.76
C TYR A 167 -11.45 0.33 1.52
N LYS A 168 -11.76 -0.74 0.78
CA LYS A 168 -10.74 -1.78 0.47
C LYS A 168 -10.87 -2.22 -1.00
N GLU A 169 -9.78 -2.15 -1.76
CA GLU A 169 -9.79 -2.66 -3.15
C GLU A 169 -8.55 -3.51 -3.42
N ILE A 170 -8.73 -4.76 -3.87
CA ILE A 170 -7.58 -5.59 -4.28
C ILE A 170 -7.75 -5.80 -5.79
N VAL A 171 -6.82 -5.27 -6.58
CA VAL A 171 -6.95 -5.36 -8.07
C VAL A 171 -6.92 -6.85 -8.46
N GLN A 172 -7.83 -7.23 -9.37
CA GLN A 172 -7.96 -8.64 -9.84
C GLN A 172 -6.74 -8.99 -10.69
N ASN A 173 -6.28 -8.06 -11.52
CA ASN A 173 -5.09 -8.21 -12.39
C ASN A 173 -3.92 -7.41 -11.77
N ILE A 174 -2.90 -8.12 -11.29
CA ILE A 174 -1.82 -7.49 -10.47
C ILE A 174 -1.12 -6.36 -11.26
N LEU A 175 -1.20 -6.38 -12.60
CA LEU A 175 -0.50 -5.41 -13.48
C LEU A 175 -1.31 -4.12 -13.59
N GLU A 176 -2.60 -4.15 -13.23
CA GLU A 176 -3.52 -2.99 -13.39
C GLU A 176 -3.48 -2.12 -12.13
N GLU A 177 -4.04 -0.92 -12.23
CA GLU A 177 -4.11 0.08 -11.15
C GLU A 177 -5.46 -0.02 -10.45
N PRO A 178 -5.56 0.36 -9.16
CA PRO A 178 -6.85 0.43 -8.46
C PRO A 178 -7.78 1.46 -9.12
N ASN A 179 -9.08 1.32 -8.87
CA ASN A 179 -10.16 2.23 -9.36
C ASN A 179 -9.90 3.64 -8.82
N TYR A 180 -9.56 4.59 -9.69
CA TYR A 180 -9.14 5.95 -9.30
C TYR A 180 -10.37 6.73 -8.82
N GLU A 181 -11.43 6.64 -9.62
CA GLU A 181 -12.73 7.31 -9.35
C GLU A 181 -13.17 6.95 -7.93
N ALA A 182 -13.23 5.65 -7.61
CA ALA A 182 -13.80 5.10 -6.36
C ALA A 182 -12.96 5.57 -5.18
N LEU A 183 -11.64 5.69 -5.37
CA LEU A 183 -10.70 6.10 -4.29
C LEU A 183 -10.91 7.58 -3.98
N LEU A 184 -10.95 8.42 -5.03
CA LEU A 184 -11.15 9.90 -4.89
C LEU A 184 -12.50 10.18 -4.23
N LYS A 185 -13.55 9.46 -4.62
CA LYS A 185 -14.93 9.66 -4.09
C LYS A 185 -14.91 9.46 -2.57
N VAL A 186 -14.15 8.49 -2.06
CA VAL A 186 -14.07 8.21 -0.59
C VAL A 186 -13.42 9.41 0.13
N LEU A 187 -12.56 10.17 -0.54
CA LEU A 187 -11.81 11.31 0.05
C LEU A 187 -12.58 12.61 -0.11
N LYS A 188 -13.81 12.56 -0.63
CA LYS A 188 -14.75 13.71 -0.69
C LYS A 188 -15.44 13.84 0.68
OHD A1IAQ B . -2.18 7.55 -8.46
CB6 A1IAQ B . -3.29 7.24 -7.61
CB5 A1IAQ B . -2.83 7.06 -6.17
NC1 A1IAQ B . -1.87 5.94 -6.02
CC3 A1IAQ B . -2.19 4.69 -5.75
CA5 A1IAQ B . -3.61 4.17 -5.54
NC4 A1IAQ B . -1.10 3.92 -5.70
CC5 A1IAQ B . -0.09 4.74 -5.90
CC2 A1IAQ B . -0.55 5.96 -6.13
NO A1IAQ B . 0.12 7.08 -6.40
C1 EDO C . 5.32 -7.02 -11.02
O1 EDO C . 4.47 -5.89 -11.19
C2 EDO C . 6.32 -7.15 -12.10
O2 EDO C . 6.72 -5.91 -12.66
NA NA D . -9.73 1.92 -5.72
#